data_8KBJ
#
_entry.id   8KBJ
#
_cell.length_a   101.812
_cell.length_b   101.812
_cell.length_c   92.305
_cell.angle_alpha   90.00
_cell.angle_beta   90.00
_cell.angle_gamma   90.00
#
_symmetry.space_group_name_H-M   'P 42 21 2'
#
loop_
_entity.id
_entity.type
_entity.pdbx_description
1 polymer 'Inhibitor of Type II CRISPR-Cas system'
2 non-polymer (1S,3R,4R,6R,9S,11R,14R,15S,16R,18R)-4-(6-amino-9H-purin-9-yl)-9,11,15,16,18-pentahydroxy-2,5,8,10,12,17-hexaoxa-9lambda~5~,11lambda~5~-diphosphatricyclo[12.2.1.1~3,6~]octadecane-9,11-dione
3 water water
#
_entity_poly.entity_id   1
_entity_poly.type   'polypeptide(L)'
_entity_poly.pdbx_seq_one_letter_code
;S(MSE)TFGQALESLKRGHLVARKGWNGKG(MSE)FIF(MSE)RPEDSLPTN(MSE)IVNQVKSLPESFKRWVANNHGDS
ETDRIKFTAYLC(MSE)KAADGTIVNGWLASQTD(MSE)LANDWVIVE
;
_entity_poly.pdbx_strand_id   A,C,D,B
#
# COMPACT_ATOMS: atom_id res chain seq x y z
N SER A 1 -18.78 -2.76 -4.10
CA SER A 1 -17.56 -3.43 -4.60
C SER A 1 -17.85 -4.39 -5.79
N THR A 3 -16.70 -6.95 -9.57
CA THR A 3 -15.81 -7.88 -10.24
C THR A 3 -14.83 -7.14 -11.17
N PHE A 4 -13.85 -7.92 -11.67
CA PHE A 4 -12.89 -7.36 -12.63
C PHE A 4 -13.60 -6.94 -13.90
N GLY A 5 -14.64 -7.68 -14.31
CA GLY A 5 -15.36 -7.31 -15.53
C GLY A 5 -16.06 -5.97 -15.41
N GLN A 6 -16.66 -5.70 -14.24
CA GLN A 6 -17.27 -4.40 -14.01
C GLN A 6 -16.21 -3.31 -13.93
N ALA A 7 -15.08 -3.62 -13.29
CA ALA A 7 -14.01 -2.65 -13.25
C ALA A 7 -13.52 -2.31 -14.67
N LEU A 8 -13.46 -3.30 -15.56
CA LEU A 8 -13.02 -3.02 -16.93
C LEU A 8 -14.04 -2.12 -17.64
N GLU A 9 -15.33 -2.35 -17.42
CA GLU A 9 -16.31 -1.42 -18.00
C GLU A 9 -16.13 -0.01 -17.42
N SER A 10 -15.83 0.12 -16.13
CA SER A 10 -15.61 1.48 -15.62
C SER A 10 -14.33 2.10 -16.19
N LEU A 11 -13.28 1.29 -16.42
CA LEU A 11 -12.04 1.79 -17.01
C LEU A 11 -12.29 2.30 -18.42
N LYS A 12 -13.11 1.56 -19.20
CA LYS A 12 -13.40 2.02 -20.56
C LYS A 12 -14.23 3.31 -20.55
N ARG A 13 -14.93 3.60 -19.47
CA ARG A 13 -15.67 4.85 -19.33
C ARG A 13 -14.83 5.95 -18.76
N GLY A 14 -13.53 5.72 -18.53
CA GLY A 14 -12.65 6.76 -18.07
C GLY A 14 -12.42 6.86 -16.57
N HIS A 15 -12.88 5.89 -15.75
CA HIS A 15 -12.63 5.97 -14.31
C HIS A 15 -11.26 5.39 -13.93
N LEU A 16 -10.83 5.75 -12.73
CA LEU A 16 -9.75 5.09 -12.01
C LEU A 16 -10.34 4.06 -11.06
N VAL A 17 -9.70 2.88 -10.99
CA VAL A 17 -10.17 1.77 -10.15
C VAL A 17 -8.97 1.13 -9.44
N ALA A 18 -9.28 0.37 -8.40
CA ALA A 18 -8.26 -0.27 -7.57
C ALA A 18 -8.92 -1.47 -6.89
N ARG A 19 -8.10 -2.39 -6.39
CA ARG A 19 -8.59 -3.46 -5.54
C ARG A 19 -8.29 -3.13 -4.08
N LYS A 20 -9.27 -3.36 -3.22
CA LYS A 20 -9.06 -3.21 -1.77
C LYS A 20 -7.98 -4.15 -1.25
N GLY A 21 -7.84 -5.36 -1.85
CA GLY A 21 -6.86 -6.34 -1.37
C GLY A 21 -5.42 -6.16 -1.85
N TRP A 22 -5.10 -5.14 -2.64
CA TRP A 22 -3.71 -4.88 -3.04
C TRP A 22 -2.84 -4.54 -1.82
N ASN A 23 -1.57 -4.93 -1.86
CA ASN A 23 -0.63 -4.62 -0.81
C ASN A 23 -0.17 -3.14 -0.79
N GLY A 24 0.16 -2.61 -1.95
CA GLY A 24 0.59 -1.24 -2.04
C GLY A 24 -0.44 -0.19 -1.70
N LYS A 25 0.01 0.93 -1.19
CA LYS A 25 -0.88 2.01 -0.80
C LYS A 25 -1.16 3.06 -1.85
N GLY A 26 -2.38 3.55 -1.89
CA GLY A 26 -2.73 4.62 -2.79
C GLY A 26 -2.52 4.41 -4.28
N PHE A 28 -3.73 2.94 -8.22
CA PHE A 28 -4.88 2.81 -9.07
C PHE A 28 -4.51 2.48 -10.51
N ILE A 29 -5.45 2.02 -11.30
CA ILE A 29 -5.17 1.80 -12.71
C ILE A 29 -6.15 2.61 -13.55
N PHE A 30 -5.74 2.85 -14.80
CA PHE A 30 -6.57 3.65 -15.70
C PHE A 30 -6.26 3.21 -17.11
N ARG A 32 -5.57 3.94 -21.22
CA ARG A 32 -5.14 4.91 -22.20
C ARG A 32 -5.70 4.47 -23.53
N PRO A 33 -6.29 5.38 -24.29
CA PRO A 33 -7.05 4.99 -25.48
C PRO A 33 -6.15 4.69 -26.67
N GLU A 34 -6.73 4.00 -27.63
CA GLU A 34 -6.08 3.76 -28.90
C GLU A 34 -5.68 5.08 -29.53
N ASP A 35 -4.58 5.04 -30.30
CA ASP A 35 -4.14 6.21 -31.06
C ASP A 35 -3.60 5.70 -32.39
N SER A 36 -3.66 6.52 -33.42
CA SER A 36 -3.21 6.12 -34.74
C SER A 36 -2.36 7.25 -35.32
N LEU A 37 -1.10 6.95 -35.66
CA LEU A 37 -0.18 8.00 -36.10
C LEU A 37 0.36 7.75 -37.50
N PRO A 38 0.57 8.80 -38.28
CA PRO A 38 1.29 8.64 -39.56
C PRO A 38 2.71 8.17 -39.27
N THR A 39 3.28 7.42 -40.22
CA THR A 39 4.58 6.82 -39.93
C THR A 39 5.70 7.83 -39.79
N ASN A 40 5.58 9.00 -40.44
CA ASN A 40 6.59 10.05 -40.26
C ASN A 40 6.65 10.55 -38.84
N ILE A 42 6.16 8.80 -36.30
CA ILE A 42 6.84 7.80 -35.49
C ILE A 42 8.34 7.92 -35.64
N VAL A 43 8.82 8.04 -36.88
CA VAL A 43 10.27 8.07 -37.07
C VAL A 43 10.88 9.38 -36.53
N ASN A 44 10.18 10.50 -36.65
CA ASN A 44 10.82 11.77 -36.33
C ASN A 44 10.31 12.44 -35.06
N GLN A 45 9.14 12.06 -34.57
CA GLN A 45 8.49 12.80 -33.51
C GLN A 45 8.35 12.03 -32.20
N VAL A 46 7.88 10.78 -32.25
CA VAL A 46 7.49 10.08 -31.02
C VAL A 46 8.72 9.83 -30.15
N LYS A 47 8.61 10.21 -28.87
CA LYS A 47 9.67 9.96 -27.90
C LYS A 47 9.69 8.51 -27.42
N SER A 48 10.84 8.11 -26.88
CA SER A 48 10.96 6.86 -26.15
C SER A 48 10.72 5.67 -27.05
N LEU A 49 11.18 5.76 -28.29
CA LEU A 49 11.13 4.62 -29.18
C LEU A 49 12.57 4.25 -29.52
N PRO A 50 12.88 2.97 -29.48
CA PRO A 50 14.22 2.57 -29.89
C PRO A 50 14.52 2.80 -31.38
N GLU A 51 15.78 3.07 -31.74
CA GLU A 51 16.17 3.29 -33.15
C GLU A 51 15.89 2.08 -34.02
N SER A 52 16.06 0.91 -33.46
CA SER A 52 15.73 -0.31 -34.16
C SER A 52 14.26 -0.38 -34.59
N PHE A 53 13.34 0.04 -33.73
CA PHE A 53 11.93 0.09 -34.10
C PHE A 53 11.67 1.10 -35.18
N LYS A 54 12.27 2.26 -35.02
CA LYS A 54 12.09 3.32 -35.99
C LYS A 54 12.61 2.92 -37.37
N ARG A 55 13.71 2.20 -37.41
CA ARG A 55 14.20 1.72 -38.68
C ARG A 55 13.26 0.68 -39.30
N TRP A 56 12.72 -0.23 -38.49
CA TRP A 56 11.81 -1.22 -38.99
C TRP A 56 10.60 -0.55 -39.58
N VAL A 57 10.09 0.47 -38.91
CA VAL A 57 8.95 1.20 -39.43
C VAL A 57 9.29 1.87 -40.75
N ALA A 58 10.44 2.51 -40.83
CA ALA A 58 10.83 3.18 -42.05
C ALA A 58 11.00 2.21 -43.19
N ASN A 59 11.56 1.06 -42.90
CA ASN A 59 11.74 0.02 -43.88
C ASN A 59 10.50 -0.71 -44.34
N ASN A 60 9.51 -0.84 -43.49
CA ASN A 60 8.34 -1.61 -43.82
C ASN A 60 7.14 -0.74 -44.13
N HIS A 61 7.33 0.57 -44.11
CA HIS A 61 6.25 1.48 -44.42
C HIS A 61 6.88 2.60 -45.17
N ASP A 67 1.80 4.62 -44.33
CA ASP A 67 0.53 5.28 -44.02
C ASP A 67 0.38 5.43 -42.52
N ARG A 68 -0.39 4.56 -41.87
CA ARG A 68 -0.63 4.74 -40.45
C ARG A 68 -0.36 3.57 -39.55
N ILE A 69 0.16 3.83 -38.36
CA ILE A 69 0.39 2.78 -37.39
C ILE A 69 -0.52 2.93 -36.20
N LYS A 70 -1.20 1.85 -35.86
CA LYS A 70 -2.11 1.87 -34.76
C LYS A 70 -1.58 1.36 -33.45
N PHE A 71 -1.67 2.18 -32.42
CA PHE A 71 -1.31 1.77 -31.08
C PHE A 71 -2.62 1.42 -30.39
N THR A 72 -2.75 0.17 -29.94
CA THR A 72 -3.97 -0.29 -29.29
C THR A 72 -4.11 0.39 -27.92
N ALA A 73 -5.35 0.43 -27.43
CA ALA A 73 -5.60 0.88 -26.07
C ALA A 73 -4.90 -0.06 -25.07
N TYR A 74 -4.63 0.43 -23.86
CA TYR A 74 -3.97 -0.43 -22.87
C TYR A 74 -4.18 0.19 -21.49
N LEU A 75 -3.87 -0.59 -20.46
CA LEU A 75 -4.01 -0.22 -19.07
C LEU A 75 -2.65 0.20 -18.50
N CYS A 76 -2.76 1.13 -17.53
CA CYS A 76 -1.63 1.67 -16.87
C CYS A 76 -1.86 1.74 -15.38
N LYS A 78 -0.78 3.75 -11.58
CA LYS A 78 -0.11 4.71 -10.77
C LYS A 78 0.29 3.89 -9.54
N ALA A 79 1.57 3.58 -9.45
CA ALA A 79 2.10 2.74 -8.42
C ALA A 79 2.28 3.33 -7.04
N ALA A 80 2.60 2.46 -6.09
CA ALA A 80 2.77 2.87 -4.72
C ALA A 80 3.86 3.92 -4.56
N ASP A 81 4.91 3.82 -5.37
CA ASP A 81 5.99 4.78 -5.33
C ASP A 81 5.74 6.10 -6.07
N GLY A 82 4.58 6.25 -6.68
CA GLY A 82 4.25 7.45 -7.44
C GLY A 82 4.61 7.38 -8.92
N THR A 83 5.30 6.34 -9.31
CA THR A 83 5.59 6.15 -10.71
C THR A 83 4.39 5.71 -11.55
N ILE A 84 4.44 5.95 -12.83
CA ILE A 84 3.41 5.48 -13.75
C ILE A 84 3.98 4.31 -14.52
N VAL A 85 3.28 3.20 -14.51
CA VAL A 85 3.70 2.00 -15.24
C VAL A 85 2.77 1.87 -16.44
N ASN A 86 3.32 2.02 -17.64
CA ASN A 86 2.54 1.74 -18.84
C ASN A 86 2.45 0.23 -19.00
N GLY A 87 1.25 -0.29 -19.17
CA GLY A 87 1.16 -1.75 -19.39
C GLY A 87 0.98 -2.54 -18.10
N TRP A 88 0.03 -2.11 -17.28
CA TRP A 88 -0.30 -2.85 -16.06
C TRP A 88 -0.79 -4.26 -16.41
N LEU A 89 -0.45 -5.21 -15.55
CA LEU A 89 -0.74 -6.65 -15.69
C LEU A 89 -1.81 -7.04 -14.68
N ALA A 90 -2.80 -7.83 -15.10
CA ALA A 90 -3.77 -8.36 -14.16
C ALA A 90 -3.27 -9.72 -13.68
N SER A 91 -3.04 -9.87 -12.39
CA SER A 91 -2.67 -11.19 -11.87
C SER A 91 -3.87 -12.12 -11.88
N GLN A 92 -3.62 -13.43 -11.64
CA GLN A 92 -4.72 -14.39 -11.47
C GLN A 92 -5.72 -13.88 -10.44
N THR A 93 -5.20 -13.37 -9.33
CA THR A 93 -6.06 -12.87 -8.25
C THR A 93 -6.83 -11.63 -8.68
N ASP A 94 -6.18 -10.68 -9.39
CA ASP A 94 -6.90 -9.50 -9.89
C ASP A 94 -8.08 -9.92 -10.76
N LEU A 96 -9.85 -12.62 -10.91
CA LEU A 96 -10.92 -13.42 -10.33
C LEU A 96 -11.52 -12.79 -9.06
N ALA A 97 -11.05 -11.61 -8.67
CA ALA A 97 -11.47 -11.01 -7.40
C ALA A 97 -12.78 -10.23 -7.55
N ASN A 98 -13.40 -9.95 -6.42
CA ASN A 98 -14.57 -9.09 -6.46
C ASN A 98 -14.45 -7.96 -5.44
N ASP A 99 -13.23 -7.45 -5.22
CA ASP A 99 -13.01 -6.32 -4.32
C ASP A 99 -12.54 -5.06 -5.05
N TRP A 100 -12.97 -4.93 -6.31
CA TRP A 100 -12.63 -3.76 -7.10
C TRP A 100 -13.53 -2.59 -6.70
N VAL A 101 -12.95 -1.39 -6.67
CA VAL A 101 -13.66 -0.18 -6.32
C VAL A 101 -13.28 0.93 -7.28
N ILE A 102 -14.21 1.84 -7.50
CA ILE A 102 -13.89 3.09 -8.21
C ILE A 102 -13.19 4.02 -7.24
N VAL A 103 -12.12 4.63 -7.70
CA VAL A 103 -11.33 5.50 -6.84
C VAL A 103 -11.38 6.93 -7.37
N GLU A 104 -11.56 7.07 -8.67
CA GLU A 104 -12.07 8.37 -9.17
C GLU A 104 -12.95 8.21 -10.42
N SER B 1 -16.28 -5.43 31.75
CA SER B 1 -15.42 -4.24 31.74
C SER B 1 -13.99 -4.60 32.04
N THR B 3 -9.56 -3.44 32.52
CA THR B 3 -8.53 -2.50 32.94
C THR B 3 -7.91 -1.86 31.69
N PHE B 4 -7.12 -0.79 31.90
CA PHE B 4 -6.47 -0.15 30.78
C PHE B 4 -5.51 -1.11 30.11
N GLY B 5 -4.90 -2.03 30.89
CA GLY B 5 -4.03 -3.03 30.29
C GLY B 5 -4.77 -3.97 29.34
N GLN B 6 -5.98 -4.40 29.74
CA GLN B 6 -6.78 -5.25 28.87
C GLN B 6 -7.23 -4.47 27.63
N ALA B 7 -7.62 -3.21 27.84
CA ALA B 7 -8.01 -2.35 26.74
C ALA B 7 -6.88 -2.25 25.72
N LEU B 8 -5.64 -2.09 26.18
CA LEU B 8 -4.49 -1.99 25.28
C LEU B 8 -4.23 -3.27 24.50
N GLU B 9 -4.43 -4.44 25.09
CA GLU B 9 -4.26 -5.67 24.32
C GLU B 9 -5.31 -5.78 23.22
N SER B 10 -6.53 -5.40 23.55
CA SER B 10 -7.60 -5.40 22.57
C SER B 10 -7.32 -4.41 21.42
N LEU B 11 -6.76 -3.24 21.75
CA LEU B 11 -6.37 -2.26 20.74
C LEU B 11 -5.31 -2.80 19.81
N LYS B 12 -4.35 -3.52 20.35
CA LYS B 12 -3.27 -4.10 19.56
C LYS B 12 -3.82 -5.15 18.59
N ARG B 13 -4.99 -5.68 18.92
CA ARG B 13 -5.65 -6.68 18.09
C ARG B 13 -6.69 -6.08 17.18
N GLY B 14 -6.71 -4.77 17.06
CA GLY B 14 -7.61 -4.13 16.13
C GLY B 14 -8.96 -3.69 16.55
N HIS B 15 -9.26 -3.77 17.81
CA HIS B 15 -10.52 -3.29 18.27
C HIS B 15 -10.70 -1.84 18.65
N LEU B 16 -11.93 -1.37 18.66
CA LEU B 16 -12.24 -0.06 19.20
C LEU B 16 -12.65 -0.23 20.66
N VAL B 17 -12.14 0.65 21.54
CA VAL B 17 -12.46 0.62 22.97
C VAL B 17 -12.83 2.00 23.48
N ALA B 18 -13.52 2.03 24.61
CA ALA B 18 -13.97 3.29 25.20
C ALA B 18 -14.10 3.10 26.70
N ARG B 19 -14.14 4.21 27.44
CA ARG B 19 -14.40 4.19 28.87
C ARG B 19 -15.83 4.63 29.17
N LYS B 20 -16.51 3.90 30.07
CA LYS B 20 -17.88 4.27 30.47
C LYS B 20 -17.92 5.62 31.14
N GLY B 21 -16.89 5.94 31.95
CA GLY B 21 -16.88 7.18 32.68
C GLY B 21 -16.45 8.43 31.94
N TRP B 22 -16.14 8.34 30.65
CA TRP B 22 -15.77 9.56 29.92
C TRP B 22 -16.95 10.54 29.91
N ASN B 23 -16.62 11.84 29.94
CA ASN B 23 -17.64 12.88 29.87
C ASN B 23 -18.31 12.92 28.49
N GLY B 24 -17.51 12.94 27.43
CA GLY B 24 -18.06 13.01 26.10
C GLY B 24 -18.79 11.74 25.75
N LYS B 25 -19.80 11.89 24.92
CA LYS B 25 -20.63 10.76 24.54
C LYS B 25 -20.28 10.30 23.13
N GLY B 26 -20.30 8.97 22.93
CA GLY B 26 -20.07 8.31 21.65
C GLY B 26 -18.64 8.31 21.16
N PHE B 28 -14.41 6.91 20.98
CA PHE B 28 -13.71 5.63 21.12
C PHE B 28 -12.28 5.85 20.66
N ILE B 29 -11.40 4.89 20.97
CA ILE B 29 -10.02 4.96 20.52
C ILE B 29 -9.69 3.70 19.78
N PHE B 30 -8.63 3.80 18.95
CA PHE B 30 -8.22 2.70 18.10
C PHE B 30 -6.73 2.84 17.83
N ARG B 32 -3.39 2.69 15.35
CA ARG B 32 -2.90 2.74 14.01
C ARG B 32 -1.56 2.08 14.03
N PRO B 33 -1.37 1.14 13.12
CA PRO B 33 -0.13 0.37 13.17
C PRO B 33 1.18 0.98 12.72
N GLU B 34 2.24 0.36 13.17
CA GLU B 34 3.56 0.76 12.76
C GLU B 34 3.84 0.50 11.28
N ASP B 35 4.57 1.39 10.67
CA ASP B 35 4.87 1.29 9.27
C ASP B 35 6.23 1.89 8.95
N SER B 36 6.89 1.40 7.91
CA SER B 36 8.17 1.98 7.47
C SER B 36 7.98 2.55 6.11
N LEU B 37 8.34 3.80 5.95
CA LEU B 37 8.20 4.45 4.70
C LEU B 37 9.51 4.86 3.97
N PRO B 38 9.55 4.77 2.61
CA PRO B 38 10.77 5.24 1.99
C PRO B 38 10.99 6.72 2.11
N THR B 39 12.24 7.11 2.26
CA THR B 39 12.58 8.50 2.42
C THR B 39 12.26 9.39 1.24
N ASN B 40 12.38 8.87 0.01
CA ASN B 40 12.16 9.67 -1.17
C ASN B 40 10.76 10.16 -1.21
N ILE B 42 8.90 10.57 1.44
CA ILE B 42 8.62 11.46 2.53
C ILE B 42 8.95 12.86 2.06
N VAL B 43 10.09 13.02 1.42
CA VAL B 43 10.45 14.32 0.88
C VAL B 43 9.60 14.79 -0.25
N ASN B 44 9.29 13.91 -1.18
CA ASN B 44 8.60 14.35 -2.38
C ASN B 44 7.10 14.22 -2.46
N GLN B 45 6.54 13.35 -1.67
CA GLN B 45 5.13 13.13 -1.73
C GLN B 45 4.29 13.22 -0.46
N VAL B 46 4.78 12.72 0.66
CA VAL B 46 3.92 12.60 1.84
C VAL B 46 3.24 13.86 2.28
N LYS B 47 1.95 13.72 2.51
CA LYS B 47 1.15 14.84 2.89
C LYS B 47 1.08 15.05 4.39
N SER B 48 0.64 16.21 4.77
CA SER B 48 0.61 16.58 6.17
C SER B 48 1.96 16.53 6.85
N LEU B 49 3.03 16.86 6.13
CA LEU B 49 4.36 16.97 6.74
C LEU B 49 4.91 18.36 6.47
N PRO B 50 5.45 19.00 7.51
CA PRO B 50 6.06 20.30 7.29
C PRO B 50 7.35 20.28 6.49
N GLU B 51 7.63 21.38 5.80
CA GLU B 51 8.83 21.52 4.97
C GLU B 51 10.12 21.42 5.73
N SER B 52 10.15 21.98 6.93
CA SER B 52 11.30 21.81 7.77
C SER B 52 11.59 20.32 8.03
N PHE B 53 10.56 19.53 8.25
CA PHE B 53 10.84 18.12 8.46
C PHE B 53 11.34 17.46 7.18
N LYS B 54 10.72 17.77 6.03
CA LYS B 54 11.15 17.22 4.74
C LYS B 54 12.58 17.64 4.42
N ARG B 55 12.96 18.88 4.77
CA ARG B 55 14.32 19.35 4.59
C ARG B 55 15.28 18.57 5.47
N TRP B 56 14.89 18.30 6.71
CA TRP B 56 15.72 17.48 7.59
C TRP B 56 15.94 16.11 7.02
N VAL B 57 14.90 15.48 6.54
CA VAL B 57 15.02 14.13 5.99
C VAL B 57 15.94 14.14 4.79
N ALA B 58 15.78 15.12 3.91
CA ALA B 58 16.65 15.23 2.75
C ALA B 58 18.10 15.51 3.09
N ASN B 59 18.35 16.37 4.05
CA ASN B 59 19.71 16.59 4.49
C ASN B 59 20.32 15.36 5.15
N ASN B 60 19.54 14.62 5.92
CA ASN B 60 20.05 13.46 6.64
C ASN B 60 19.93 12.08 6.00
N HIS B 61 19.21 11.95 4.88
CA HIS B 61 19.13 10.68 4.17
C HIS B 61 19.39 10.86 2.70
N GLY B 62 19.44 12.10 2.24
CA GLY B 62 19.63 12.39 0.83
C GLY B 62 18.60 11.96 -0.19
N ASP B 63 19.04 11.30 -1.26
CA ASP B 63 18.12 10.77 -2.28
C ASP B 63 18.02 9.32 -1.92
N SER B 64 16.83 8.78 -1.95
CA SER B 64 16.68 7.45 -1.44
C SER B 64 17.38 6.36 -2.17
N GLU B 65 17.99 5.46 -1.42
CA GLU B 65 18.57 4.30 -2.03
C GLU B 65 17.94 3.31 -1.12
N THR B 66 16.63 3.19 -1.23
CA THR B 66 15.86 2.27 -0.40
C THR B 66 16.03 2.63 1.05
N ASP B 67 16.27 3.91 1.33
CA ASP B 67 16.45 4.38 2.68
C ASP B 67 15.08 4.52 3.25
N ARG B 68 14.88 4.01 4.46
CA ARG B 68 13.56 4.05 5.06
C ARG B 68 13.47 4.72 6.41
N ILE B 69 12.29 5.22 6.73
CA ILE B 69 12.05 5.83 8.02
C ILE B 69 10.89 5.09 8.70
N LYS B 70 11.08 4.67 9.94
CA LYS B 70 10.10 3.90 10.69
C LYS B 70 9.18 4.84 11.49
N PHE B 71 7.87 4.68 11.30
CA PHE B 71 6.85 5.30 12.13
C PHE B 71 6.29 4.26 13.09
N THR B 72 6.39 4.55 14.39
CA THR B 72 5.88 3.63 15.39
C THR B 72 4.35 3.64 15.43
N ALA B 73 3.79 2.58 16.01
CA ALA B 73 2.36 2.48 16.24
C ALA B 73 1.91 3.60 17.20
N TYR B 74 0.63 3.95 17.16
CA TYR B 74 0.17 5.00 18.07
C TYR B 74 -1.35 4.90 18.17
N LEU B 75 -1.92 5.56 19.18
CA LEU B 75 -3.35 5.54 19.47
C LEU B 75 -4.03 6.80 18.94
N CYS B 76 -5.30 6.63 18.53
CA CYS B 76 -6.09 7.71 17.97
C CYS B 76 -7.46 7.70 18.63
N LYS B 78 -11.62 8.88 18.06
CA LYS B 78 -12.79 9.48 17.43
C LYS B 78 -13.51 10.26 18.52
N ALA B 79 -13.36 11.58 18.45
CA ALA B 79 -13.72 12.54 19.48
C ALA B 79 -15.24 12.78 19.49
N ALA B 80 -15.70 13.48 20.53
CA ALA B 80 -17.14 13.63 20.70
C ALA B 80 -17.78 14.40 19.54
N ASP B 81 -17.05 15.35 18.95
CA ASP B 81 -17.54 16.10 17.82
C ASP B 81 -17.29 15.40 16.47
N GLY B 82 -16.88 14.13 16.46
CA GLY B 82 -16.71 13.44 15.18
C GLY B 82 -15.38 13.64 14.48
N THR B 83 -14.53 14.56 14.94
CA THR B 83 -13.18 14.66 14.36
C THR B 83 -12.34 13.48 14.83
N ILE B 84 -11.25 13.23 14.10
CA ILE B 84 -10.29 12.19 14.44
C ILE B 84 -9.01 12.84 14.96
N VAL B 85 -8.57 12.44 16.15
CA VAL B 85 -7.39 12.98 16.81
C VAL B 85 -6.31 11.91 16.75
N ASN B 86 -5.25 12.18 16.01
CA ASN B 86 -4.11 11.31 15.99
C ASN B 86 -3.31 11.65 17.26
N GLY B 87 -2.86 10.64 17.96
CA GLY B 87 -2.13 10.88 19.17
C GLY B 87 -2.88 11.03 20.46
N TRP B 88 -3.83 10.15 20.72
CA TRP B 88 -4.54 10.15 21.96
C TRP B 88 -3.71 9.93 23.19
N LEU B 89 -4.06 10.62 24.24
CA LEU B 89 -3.35 10.55 25.49
C LEU B 89 -4.19 9.94 26.60
N ALA B 90 -3.59 9.05 27.34
CA ALA B 90 -4.26 8.47 28.46
C ALA B 90 -4.06 9.33 29.70
N SER B 91 -5.14 9.78 30.29
CA SER B 91 -5.06 10.52 31.56
C SER B 91 -4.76 9.58 32.73
N GLN B 92 -4.40 10.13 33.86
CA GLN B 92 -4.18 9.35 35.06
C GLN B 92 -5.42 8.49 35.32
N THR B 93 -6.59 9.12 35.20
CA THR B 93 -7.84 8.41 35.43
C THR B 93 -8.04 7.31 34.38
N ASP B 94 -7.72 7.61 33.11
CA ASP B 94 -7.80 6.58 32.06
C ASP B 94 -6.92 5.38 32.41
N LEU B 96 -5.70 4.27 35.18
CA LEU B 96 -5.96 3.50 36.38
C LEU B 96 -7.40 3.01 36.48
N ALA B 97 -8.25 3.30 35.49
CA ALA B 97 -9.67 2.98 35.57
C ALA B 97 -9.89 1.54 35.14
N ASN B 98 -11.08 1.02 35.45
CA ASN B 98 -11.42 -0.33 35.02
C ASN B 98 -12.84 -0.38 34.47
N ASP B 99 -13.27 0.71 33.83
CA ASP B 99 -14.55 0.77 33.14
C ASP B 99 -14.35 0.81 31.62
N TRP B 100 -13.30 0.17 31.12
CA TRP B 100 -13.06 0.11 29.67
C TRP B 100 -13.95 -0.94 29.03
N VAL B 101 -14.47 -0.66 27.81
CA VAL B 101 -15.33 -1.63 27.12
C VAL B 101 -14.97 -1.68 25.64
N ILE B 102 -15.22 -2.82 25.01
CA ILE B 102 -15.08 -2.91 23.55
C ILE B 102 -16.28 -2.24 22.90
N VAL B 103 -16.01 -1.41 21.89
CA VAL B 103 -17.04 -0.76 21.11
C VAL B 103 -17.08 -1.29 19.69
N GLU B 104 -15.96 -1.76 19.15
CA GLU B 104 -16.06 -2.70 18.02
C GLU B 104 -14.95 -3.73 18.17
N SER C 1 16.17 30.85 23.85
CA SER C 1 15.75 30.35 25.17
C SER C 1 14.24 30.59 25.39
N THR C 3 9.91 29.42 26.43
CA THR C 3 8.89 28.67 27.10
C THR C 3 8.15 27.71 26.13
N PHE C 4 7.36 26.80 26.67
CA PHE C 4 6.56 25.90 25.84
C PHE C 4 5.59 26.67 24.95
N GLY C 5 5.00 27.72 25.49
CA GLY C 5 4.10 28.55 24.70
C GLY C 5 4.77 29.20 23.50
N GLN C 6 5.96 29.71 23.68
CA GLN C 6 6.72 30.24 22.57
C GLN C 6 7.09 29.16 21.58
N ALA C 7 7.46 27.99 22.08
CA ALA C 7 7.75 26.88 21.23
C ALA C 7 6.51 26.45 20.43
N LEU C 8 5.35 26.46 21.05
CA LEU C 8 4.09 26.17 20.36
C LEU C 8 3.79 27.18 19.25
N GLU C 9 4.11 28.47 19.48
CA GLU C 9 3.95 29.44 18.38
C GLU C 9 4.87 29.09 17.21
N SER C 10 6.11 28.68 17.50
CA SER C 10 7.01 28.27 16.42
C SER C 10 6.54 26.98 15.74
N LEU C 11 6.00 26.04 16.51
CA LEU C 11 5.49 24.78 15.96
C LEU C 11 4.33 25.04 15.02
N LYS C 12 3.43 25.95 15.40
CA LYS C 12 2.29 26.22 14.54
C LYS C 12 2.71 26.87 13.22
N ARG C 13 3.86 27.53 13.20
CA ARG C 13 4.38 28.09 11.98
C ARG C 13 5.19 27.10 11.19
N GLY C 14 5.31 25.85 11.64
CA GLY C 14 6.00 24.85 10.85
C GLY C 14 7.46 24.63 11.20
N HIS C 15 7.94 25.16 12.33
CA HIS C 15 9.30 24.92 12.76
C HIS C 15 9.44 23.61 13.55
N LEU C 16 10.67 23.14 13.64
CA LEU C 16 11.12 22.08 14.53
C LEU C 16 11.66 22.69 15.83
N VAL C 17 11.29 22.09 16.98
CA VAL C 17 11.74 22.60 18.28
C VAL C 17 12.18 21.43 19.17
N ALA C 18 12.88 21.77 20.24
CA ALA C 18 13.41 20.80 21.18
C ALA C 18 13.72 21.40 22.52
N ARG C 19 13.97 20.56 23.48
CA ARG C 19 14.36 21.02 24.78
C ARG C 19 15.79 20.63 25.06
N LYS C 20 16.55 21.54 25.62
CA LYS C 20 17.93 21.25 26.02
C LYS C 20 17.99 20.17 27.11
N GLY C 21 17.03 20.16 28.03
CA GLY C 21 16.99 19.21 29.11
C GLY C 21 16.63 17.77 28.83
N TRP C 22 16.23 17.46 27.62
CA TRP C 22 15.87 16.15 27.28
C TRP C 22 17.01 15.16 27.43
N ASN C 23 16.70 13.93 27.81
CA ASN C 23 17.70 12.88 27.95
C ASN C 23 18.22 12.41 26.62
N GLY C 24 17.31 12.11 25.72
CA GLY C 24 17.68 11.70 24.40
C GLY C 24 18.32 12.84 23.67
N LYS C 25 19.30 12.52 22.88
CA LYS C 25 20.00 13.53 22.12
C LYS C 25 19.63 13.52 20.63
N GLY C 26 19.57 14.68 20.01
CA GLY C 26 19.24 14.78 18.60
C GLY C 26 17.78 14.76 18.23
N PHE C 28 13.67 16.03 18.12
CA PHE C 28 12.88 17.21 17.91
C PHE C 28 11.39 16.91 17.74
N ILE C 29 10.54 17.93 17.84
CA ILE C 29 9.14 17.72 17.59
C ILE C 29 8.66 18.71 16.52
N PHE C 30 7.53 18.36 15.90
CA PHE C 30 7.00 19.20 14.84
C PHE C 30 5.51 18.92 14.78
N ARG C 32 1.96 18.33 12.54
CA ARG C 32 1.41 17.86 11.30
C ARG C 32 0.04 18.50 11.22
N PRO C 33 -0.23 19.13 10.10
CA PRO C 33 -1.47 19.88 9.97
C PRO C 33 -2.76 19.12 9.83
N GLU C 34 -3.88 19.77 10.09
CA GLU C 34 -5.18 19.18 9.92
C GLU C 34 -5.50 18.80 8.47
N ASP C 35 -6.25 17.73 8.29
CA ASP C 35 -6.63 17.27 6.97
C ASP C 35 -8.05 16.74 6.97
N SER C 36 -8.70 16.75 5.83
CA SER C 36 -10.04 16.21 5.69
C SER C 36 -10.06 15.23 4.52
N LEU C 37 -10.55 14.02 4.74
CA LEU C 37 -10.52 12.98 3.74
C LEU C 37 -11.93 12.56 3.39
N PRO C 38 -12.22 12.22 2.13
CA PRO C 38 -13.53 11.64 1.80
C PRO C 38 -13.73 10.29 2.46
N THR C 39 -14.97 9.99 2.84
CA THR C 39 -15.18 8.73 3.54
C THR C 39 -14.92 7.51 2.64
N ASN C 40 -15.12 7.64 1.33
CA ASN C 40 -14.78 6.53 0.43
C ASN C 40 -13.29 6.28 0.45
N ILE C 42 -11.27 6.84 3.02
CA ILE C 42 -11.01 6.16 4.29
C ILE C 42 -11.35 4.68 4.16
N VAL C 43 -12.51 4.37 3.66
CA VAL C 43 -12.94 2.97 3.64
C VAL C 43 -12.21 2.07 2.66
N ASN C 44 -12.02 2.52 1.43
CA ASN C 44 -11.44 1.68 0.41
C ASN C 44 -9.97 1.82 0.12
N GLN C 45 -9.38 2.93 0.48
CA GLN C 45 -8.00 3.18 0.17
C GLN C 45 -7.01 3.18 1.34
N VAL C 46 -7.24 3.97 2.37
CA VAL C 46 -6.22 4.06 3.41
C VAL C 46 -5.94 2.73 4.12
N LYS C 47 -4.69 2.30 4.10
CA LYS C 47 -4.31 1.04 4.73
C LYS C 47 -3.79 1.11 6.16
N SER C 48 -3.54 2.29 6.64
CA SER C 48 -2.97 2.47 7.98
C SER C 48 -4.07 2.64 9.00
N LEU C 49 -5.29 2.34 8.61
CA LEU C 49 -6.41 2.48 9.50
C LEU C 49 -7.00 1.13 9.65
N PRO C 50 -7.33 0.75 10.86
CA PRO C 50 -7.88 -0.58 11.13
C PRO C 50 -9.28 -0.87 10.57
N GLU C 51 -9.51 -2.13 10.21
CA GLU C 51 -10.80 -2.55 9.68
C GLU C 51 -12.00 -2.21 10.54
N SER C 52 -11.87 -2.35 11.85
CA SER C 52 -12.97 -1.94 12.73
C SER C 52 -13.29 -0.46 12.55
N PHE C 53 -12.26 0.37 12.36
CA PHE C 53 -12.55 1.79 12.18
C PHE C 53 -13.19 2.04 10.81
N LYS C 54 -12.66 1.39 9.77
CA LYS C 54 -13.20 1.59 8.42
C LYS C 54 -14.66 1.16 8.34
N ARG C 55 -15.00 0.06 9.02
CA ARG C 55 -16.38 -0.36 9.09
C ARG C 55 -17.22 0.66 9.86
N TRP C 56 -16.67 1.21 10.97
CA TRP C 56 -17.41 2.24 11.69
C TRP C 56 -17.73 3.42 10.77
N VAL C 57 -16.74 3.86 10.01
CA VAL C 57 -16.93 4.98 9.08
C VAL C 57 -18.00 4.65 8.06
N ALA C 58 -17.89 3.45 7.48
CA ALA C 58 -18.84 3.02 6.46
C ALA C 58 -20.26 2.98 7.00
N ASN C 59 -20.43 2.61 8.25
CA ASN C 59 -21.72 2.55 8.87
C ASN C 59 -22.25 3.87 9.41
N ASN C 60 -21.39 4.82 9.65
CA ASN C 60 -21.86 6.07 10.24
C ASN C 60 -21.79 7.31 9.38
N HIS C 61 -21.22 7.20 8.20
CA HIS C 61 -21.07 8.39 7.37
C HIS C 61 -21.65 8.38 5.99
N GLY C 62 -21.28 7.45 5.13
CA GLY C 62 -21.78 7.53 3.76
C GLY C 62 -21.01 8.26 2.66
N ASP C 63 -21.41 8.10 1.39
CA ASP C 63 -20.71 8.71 0.23
C ASP C 63 -20.88 10.20 0.19
N SER C 64 -20.07 10.86 -0.61
CA SER C 64 -20.07 12.31 -0.50
C SER C 64 -21.29 13.11 -0.67
N GLU C 65 -21.66 13.76 0.40
CA GLU C 65 -22.75 14.68 0.36
C GLU C 65 -21.87 15.52 1.21
N THR C 66 -20.76 16.05 0.66
CA THR C 66 -19.76 16.75 1.46
C THR C 66 -19.41 15.84 2.63
N ASP C 67 -19.25 14.54 2.37
CA ASP C 67 -19.00 13.60 3.46
C ASP C 67 -17.53 13.44 3.66
N ARG C 68 -16.99 14.22 4.56
CA ARG C 68 -15.58 14.19 4.79
C ARG C 68 -15.30 13.98 6.27
N ILE C 69 -14.26 13.23 6.56
CA ILE C 69 -13.87 13.02 7.93
C ILE C 69 -12.67 13.91 8.26
N LYS C 70 -12.80 14.68 9.32
CA LYS C 70 -11.74 15.58 9.69
C LYS C 70 -10.72 15.08 10.68
N PHE C 71 -9.46 15.10 10.29
CA PHE C 71 -8.35 14.80 11.18
C PHE C 71 -7.72 16.10 11.70
N THR C 72 -7.68 16.27 13.02
CA THR C 72 -7.13 17.48 13.61
C THR C 72 -5.61 17.52 13.52
N ALA C 73 -5.07 18.73 13.67
CA ALA C 73 -3.63 18.87 13.79
C ALA C 73 -3.10 18.14 15.03
N TYR C 74 -1.83 17.76 14.99
CA TYR C 74 -1.24 17.09 16.15
C TYR C 74 0.28 17.18 16.10
N LEU C 75 0.89 16.88 17.24
CA LEU C 75 2.34 16.99 17.37
C LEU C 75 2.98 15.63 17.24
N CYS C 76 4.19 15.62 16.68
CA CYS C 76 4.98 14.43 16.44
C CYS C 76 6.40 14.63 16.92
N LYS C 78 10.54 13.28 16.23
CA LYS C 78 11.67 12.51 15.70
C LYS C 78 12.50 12.09 16.90
N ALA C 79 12.40 10.80 17.28
CA ALA C 79 12.93 10.24 18.51
C ALA C 79 14.46 10.02 18.44
N ALA C 80 15.03 9.70 19.61
CA ALA C 80 16.48 9.50 19.71
C ALA C 80 16.96 8.32 18.85
N ASP C 81 16.13 7.29 18.67
CA ASP C 81 16.50 6.16 17.82
C ASP C 81 16.18 6.36 16.33
N GLY C 82 15.83 7.57 15.88
CA GLY C 82 15.51 7.78 14.47
C GLY C 82 14.10 7.46 14.03
N THR C 83 13.27 6.80 14.85
CA THR C 83 11.87 6.59 14.52
C THR C 83 11.05 7.89 14.68
N ILE C 84 9.88 7.90 14.04
CA ILE C 84 8.93 9.02 14.12
C ILE C 84 7.73 8.55 14.92
N VAL C 85 7.37 9.31 15.93
CA VAL C 85 6.25 8.99 16.82
C VAL C 85 5.16 10.00 16.54
N ASN C 86 4.05 9.54 15.99
CA ASN C 86 2.93 10.40 15.78
C ASN C 86 2.25 10.46 17.15
N GLY C 87 1.86 11.65 17.55
CA GLY C 87 1.26 11.78 18.82
C GLY C 87 2.11 12.07 20.02
N TRP C 88 3.05 12.97 19.86
CA TRP C 88 3.90 13.36 20.94
C TRP C 88 3.16 13.96 22.08
N LEU C 89 3.63 13.64 23.25
CA LEU C 89 3.04 14.21 24.41
C LEU C 89 4.00 15.03 25.26
N ALA C 90 3.43 16.04 25.87
CA ALA C 90 4.20 16.90 26.70
C ALA C 90 4.16 16.50 28.17
N SER C 91 5.30 16.27 28.74
CA SER C 91 5.38 15.96 30.17
C SER C 91 5.15 17.21 31.01
N GLN C 92 4.91 17.02 32.29
CA GLN C 92 4.79 18.13 33.22
C GLN C 92 6.00 19.07 33.10
N THR C 93 7.18 18.50 33.03
CA THR C 93 8.41 19.26 32.91
C THR C 93 8.48 19.96 31.56
N ASP C 94 8.08 19.26 30.48
CA ASP C 94 8.05 19.89 29.16
C ASP C 94 7.19 21.15 29.19
N LEU C 96 6.11 23.12 31.63
CA LEU C 96 6.45 24.25 32.49
C LEU C 96 7.90 24.72 32.36
N ALA C 97 8.68 24.15 31.45
CA ALA C 97 10.11 24.44 31.29
C ALA C 97 10.32 25.69 30.43
N ASN C 98 11.54 26.21 30.46
CA ASN C 98 11.87 27.35 29.60
C ASN C 98 13.22 27.15 28.93
N ASP C 99 13.59 25.91 28.61
CA ASP C 99 14.82 25.60 27.89
C ASP C 99 14.53 25.07 26.48
N TRP C 100 13.46 25.54 25.86
CA TRP C 100 13.09 25.16 24.50
C TRP C 100 13.94 25.91 23.49
N VAL C 101 14.30 25.25 22.39
CA VAL C 101 15.05 25.93 21.34
C VAL C 101 14.51 25.57 19.96
N ILE C 102 14.67 26.50 19.01
CA ILE C 102 14.36 26.18 17.62
C ILE C 102 15.47 25.30 17.06
N VAL C 103 15.07 24.25 16.36
CA VAL C 103 16.00 23.34 15.72
C VAL C 103 15.93 23.45 14.20
N GLU C 104 14.75 23.73 13.64
CA GLU C 104 14.71 24.33 12.27
C GLU C 104 13.55 25.33 12.20
N SER D 1 22.55 -7.76 -5.84
CA SER D 1 21.33 -8.37 -6.33
C SER D 1 21.34 -8.71 -7.81
N THR D 3 19.32 -9.46 -11.84
CA THR D 3 18.33 -9.21 -12.85
C THR D 3 17.26 -10.29 -12.85
N PHE D 4 16.15 -10.03 -13.51
CA PHE D 4 15.12 -11.05 -13.67
C PHE D 4 15.68 -12.28 -14.40
N GLY D 5 16.55 -12.06 -15.38
CA GLY D 5 17.11 -13.21 -16.08
C GLY D 5 17.87 -14.13 -15.14
N GLN D 6 18.62 -13.54 -14.21
CA GLN D 6 19.32 -14.35 -13.22
C GLN D 6 18.34 -15.02 -12.26
N ALA D 7 17.30 -14.30 -11.84
CA ALA D 7 16.27 -14.92 -11.01
C ALA D 7 15.65 -16.11 -11.72
N LEU D 8 15.39 -15.99 -13.04
CA LEU D 8 14.82 -17.10 -13.78
C LEU D 8 15.76 -18.30 -13.78
N GLU D 9 17.08 -18.03 -13.91
CA GLU D 9 18.03 -19.15 -13.85
C GLU D 9 17.99 -19.84 -12.47
N SER D 10 17.89 -19.08 -11.40
CA SER D 10 17.79 -19.72 -10.08
C SER D 10 16.45 -20.43 -9.87
N LEU D 11 15.36 -19.91 -10.46
CA LEU D 11 14.06 -20.58 -10.38
C LEU D 11 14.11 -21.92 -11.08
N LYS D 12 14.75 -21.96 -12.25
CA LYS D 12 14.89 -23.22 -12.98
C LYS D 12 15.75 -24.21 -12.21
N ARG D 13 16.59 -23.72 -11.31
CA ARG D 13 17.39 -24.57 -10.44
C ARG D 13 16.70 -24.93 -9.13
N GLY D 14 15.43 -24.57 -8.95
CA GLY D 14 14.71 -25.00 -7.77
C GLY D 14 14.74 -24.02 -6.61
N HIS D 15 15.26 -22.82 -6.81
CA HIS D 15 15.26 -21.84 -5.73
C HIS D 15 13.94 -21.06 -5.66
N LEU D 16 13.74 -20.45 -4.50
CA LEU D 16 12.78 -19.39 -4.24
C LEU D 16 13.46 -18.05 -4.36
N VAL D 17 12.78 -17.09 -5.03
CA VAL D 17 13.30 -15.74 -5.27
C VAL D 17 12.22 -14.68 -4.99
N ALA D 18 12.66 -13.44 -4.78
CA ALA D 18 11.77 -12.34 -4.42
C ALA D 18 12.42 -11.06 -4.90
N ARG D 19 11.63 -9.98 -4.99
CA ARG D 19 12.18 -8.65 -5.27
C ARG D 19 12.17 -7.84 -3.97
N LYS D 20 13.28 -7.16 -3.69
CA LYS D 20 13.29 -6.26 -2.53
C LYS D 20 12.30 -5.11 -2.68
N GLY D 21 12.03 -4.64 -3.92
CA GLY D 21 11.06 -3.57 -4.06
C GLY D 21 9.58 -3.94 -4.06
N TRP D 22 9.18 -5.20 -3.90
CA TRP D 22 7.77 -5.58 -3.80
C TRP D 22 7.10 -4.91 -2.59
N ASN D 23 5.79 -4.57 -2.72
CA ASN D 23 5.02 -3.97 -1.59
C ASN D 23 4.71 -5.00 -0.50
N GLY D 24 4.18 -6.17 -0.87
CA GLY D 24 3.90 -7.19 0.12
C GLY D 24 5.19 -7.76 0.73
N LYS D 25 5.11 -8.10 2.01
CA LYS D 25 6.24 -8.63 2.77
C LYS D 25 6.19 -10.14 2.90
N GLY D 26 7.37 -10.74 2.94
CA GLY D 26 7.48 -12.16 3.17
C GLY D 26 7.05 -12.99 1.98
N PHE D 28 7.31 -14.84 -1.98
CA PHE D 28 8.36 -15.32 -2.88
C PHE D 28 7.71 -16.05 -4.04
N ILE D 29 8.50 -16.31 -5.10
CA ILE D 29 8.01 -17.11 -6.22
C ILE D 29 8.88 -18.35 -6.41
N PHE D 30 8.29 -19.35 -7.08
CA PHE D 30 8.96 -20.61 -7.30
C PHE D 30 8.39 -21.25 -8.57
N ARG D 32 7.12 -24.55 -10.82
CA ARG D 32 6.64 -25.94 -10.80
C ARG D 32 6.98 -26.59 -12.16
N PRO D 33 7.56 -27.78 -12.15
CA PRO D 33 8.09 -28.37 -13.39
C PRO D 33 6.99 -28.94 -14.28
N GLU D 34 7.34 -29.05 -15.55
CA GLU D 34 6.46 -29.70 -16.49
C GLU D 34 6.15 -31.12 -16.05
N ASP D 35 4.99 -31.62 -16.48
CA ASP D 35 4.53 -32.97 -16.16
C ASP D 35 3.75 -33.49 -17.36
N SER D 36 3.66 -34.80 -17.47
CA SER D 36 2.99 -35.46 -18.58
C SER D 36 2.06 -36.49 -17.97
N LEU D 37 0.76 -36.39 -18.25
CA LEU D 37 -0.21 -37.27 -17.59
C LEU D 37 -1.02 -38.08 -18.59
N PRO D 38 -1.34 -39.32 -18.25
CA PRO D 38 -2.25 -40.10 -19.12
C PRO D 38 -3.62 -39.45 -19.17
N THR D 39 -4.25 -39.52 -20.36
CA THR D 39 -5.52 -38.82 -20.57
C THR D 39 -6.66 -39.43 -19.79
N ASN D 40 -6.59 -40.74 -19.50
CA ASN D 40 -7.63 -41.33 -18.65
C ASN D 40 -7.60 -40.75 -17.25
N ILE D 42 -6.62 -37.75 -16.45
CA ILE D 42 -7.15 -36.39 -16.49
C ILE D 42 -8.67 -36.37 -16.42
N VAL D 43 -9.33 -37.29 -17.10
CA VAL D 43 -10.78 -37.38 -17.02
C VAL D 43 -11.35 -37.74 -15.63
N ASN D 44 -10.74 -38.66 -14.88
CA ASN D 44 -11.28 -39.12 -13.59
C ASN D 44 -10.42 -39.08 -12.33
N GLN D 45 -9.12 -38.86 -12.46
CA GLN D 45 -8.22 -38.79 -11.32
C GLN D 45 -7.51 -37.46 -11.07
N VAL D 46 -7.95 -36.38 -11.73
CA VAL D 46 -7.34 -35.09 -11.44
C VAL D 46 -8.38 -34.15 -10.89
N LYS D 47 -8.12 -33.67 -9.69
CA LYS D 47 -9.01 -32.69 -9.10
C LYS D 47 -8.77 -31.28 -9.64
N SER D 48 -9.75 -30.41 -9.48
CA SER D 48 -9.60 -29.01 -9.89
C SER D 48 -9.63 -28.77 -11.38
N LEU D 49 -10.36 -29.60 -12.09
CA LEU D 49 -10.60 -29.42 -13.50
C LEU D 49 -12.10 -29.31 -13.77
N PRO D 50 -12.51 -28.35 -14.66
CA PRO D 50 -13.94 -28.37 -14.93
C PRO D 50 -14.41 -29.48 -15.84
N GLU D 51 -15.69 -29.77 -15.79
CA GLU D 51 -16.25 -30.86 -16.59
C GLU D 51 -16.14 -30.59 -18.04
N SER D 52 -16.25 -29.35 -18.43
CA SER D 52 -16.18 -28.98 -19.82
C SER D 52 -14.81 -29.39 -20.39
N PHE D 53 -13.74 -29.18 -19.64
CA PHE D 53 -12.40 -29.62 -20.06
C PHE D 53 -12.27 -31.15 -20.14
N LYS D 54 -12.80 -31.82 -19.14
CA LYS D 54 -12.78 -33.29 -19.08
C LYS D 54 -13.54 -33.86 -20.25
N ARG D 55 -14.66 -33.24 -20.58
CA ARG D 55 -15.38 -33.62 -21.75
C ARG D 55 -14.60 -33.35 -23.03
N TRP D 56 -13.90 -32.23 -23.12
CA TRP D 56 -13.06 -31.99 -24.27
C TRP D 56 -11.98 -33.04 -24.46
N VAL D 57 -11.27 -33.38 -23.41
CA VAL D 57 -10.22 -34.38 -23.48
C VAL D 57 -10.82 -35.72 -23.90
N ALA D 58 -11.94 -36.09 -23.32
CA ALA D 58 -12.60 -37.36 -23.63
C ALA D 58 -13.04 -37.43 -25.06
N ASN D 59 -13.53 -36.35 -25.61
CA ASN D 59 -13.87 -36.30 -27.02
C ASN D 59 -12.70 -36.30 -27.98
N ASN D 60 -11.59 -35.67 -27.63
CA ASN D 60 -10.42 -35.53 -28.54
C ASN D 60 -9.26 -36.47 -28.29
N HIS D 61 -9.42 -37.45 -27.42
CA HIS D 61 -8.40 -38.41 -27.09
C HIS D 61 -9.55 -39.16 -26.63
N GLY D 62 -9.49 -40.42 -26.27
CA GLY D 62 -10.70 -41.05 -25.78
C GLY D 62 -10.49 -41.73 -24.46
N ASP D 63 -10.83 -43.02 -24.38
CA ASP D 63 -10.51 -43.78 -23.17
C ASP D 63 -9.12 -44.33 -23.40
N SER D 64 -8.08 -43.52 -23.30
CA SER D 64 -6.77 -44.03 -23.64
C SER D 64 -5.67 -44.08 -22.60
N GLU D 65 -5.10 -45.27 -22.44
CA GLU D 65 -3.96 -45.41 -21.57
C GLU D 65 -2.67 -44.86 -22.09
N THR D 66 -2.42 -45.09 -23.36
CA THR D 66 -1.18 -44.60 -23.98
C THR D 66 -1.10 -43.09 -24.16
N ASP D 67 -2.21 -42.50 -24.51
CA ASP D 67 -2.23 -41.09 -24.75
C ASP D 67 -1.90 -40.22 -23.54
N ARG D 68 -1.08 -39.23 -23.75
CA ARG D 68 -0.71 -38.33 -22.68
C ARG D 68 -0.88 -36.85 -22.98
N ILE D 69 -1.22 -36.06 -21.98
CA ILE D 69 -1.30 -34.62 -22.13
C ILE D 69 -0.21 -33.94 -21.33
N LYS D 70 0.57 -33.09 -21.98
CA LYS D 70 1.65 -32.40 -21.33
C LYS D 70 1.19 -31.05 -20.73
N PHE D 71 1.46 -30.87 -19.43
CA PHE D 71 1.34 -29.60 -18.73
C PHE D 71 2.73 -29.02 -18.63
N THR D 72 2.92 -27.83 -19.20
CA THR D 72 4.22 -27.18 -19.17
C THR D 72 4.55 -26.64 -17.77
N ALA D 73 5.84 -26.35 -17.54
CA ALA D 73 6.29 -25.70 -16.32
C ALA D 73 5.69 -24.29 -16.18
N TYR D 74 5.62 -23.79 -14.95
CA TYR D 74 5.07 -22.44 -14.78
C TYR D 74 5.50 -21.90 -13.43
N LEU D 75 5.33 -20.59 -13.22
CA LEU D 75 5.72 -19.96 -11.96
C LEU D 75 4.51 -19.78 -11.06
N CYS D 76 4.75 -19.84 -9.74
CA CYS D 76 3.78 -19.73 -8.67
C CYS D 76 4.31 -18.75 -7.63
N LYS D 78 3.98 -17.53 -3.44
CA LYS D 78 3.46 -17.64 -2.08
C LYS D 78 3.22 -16.16 -1.74
N ALA D 79 1.96 -15.78 -1.70
CA ALA D 79 1.55 -14.40 -1.49
C ALA D 79 1.69 -13.84 -0.06
N ALA D 80 1.45 -12.55 0.09
CA ALA D 80 1.57 -11.89 1.39
C ALA D 80 0.63 -12.45 2.46
N ASP D 81 -0.57 -12.84 2.08
CA ASP D 81 -1.54 -13.44 2.99
C ASP D 81 -1.39 -14.96 3.21
N GLY D 82 -0.36 -15.56 2.63
CA GLY D 82 -0.11 -16.98 2.78
C GLY D 82 -0.71 -17.89 1.73
N THR D 83 -1.54 -17.35 0.87
CA THR D 83 -2.09 -18.11 -0.22
C THR D 83 -1.07 -18.45 -1.30
N ILE D 84 -1.32 -19.52 -2.02
CA ILE D 84 -0.46 -19.89 -3.12
C ILE D 84 -1.17 -19.61 -4.44
N VAL D 85 -0.52 -18.88 -5.33
CA VAL D 85 -1.09 -18.48 -6.61
C VAL D 85 -0.38 -19.31 -7.68
N ASN D 86 -1.09 -20.25 -8.29
CA ASN D 86 -0.56 -20.90 -9.49
C ASN D 86 -0.65 -19.88 -10.63
N GLY D 87 0.45 -19.67 -11.33
CA GLY D 87 0.43 -18.82 -12.50
C GLY D 87 0.77 -17.38 -12.21
N TRP D 88 1.85 -17.19 -11.44
CA TRP D 88 2.36 -15.86 -11.15
C TRP D 88 2.81 -15.20 -12.46
N LEU D 89 2.58 -13.92 -12.60
CA LEU D 89 3.01 -13.25 -13.80
C LEU D 89 3.92 -12.06 -13.44
N ALA D 90 4.82 -11.72 -14.34
CA ALA D 90 5.83 -10.69 -14.14
C ALA D 90 5.32 -9.35 -14.62
N SER D 91 5.27 -8.36 -13.73
CA SER D 91 4.91 -7.02 -14.20
C SER D 91 6.08 -6.41 -15.00
N GLN D 92 5.81 -5.27 -15.69
CA GLN D 92 6.86 -4.55 -16.41
C GLN D 92 8.05 -4.27 -15.50
N THR D 93 7.76 -3.81 -14.28
CA THR D 93 8.79 -3.49 -13.31
C THR D 93 9.54 -4.74 -12.85
N ASP D 94 8.81 -5.85 -12.59
CA ASP D 94 9.48 -7.11 -12.24
C ASP D 94 10.48 -7.50 -13.31
N LEU D 96 12.02 -5.82 -15.68
CA LEU D 96 13.16 -4.93 -15.91
C LEU D 96 13.95 -4.56 -14.64
N ALA D 97 13.63 -5.12 -13.50
CA ALA D 97 14.29 -4.70 -12.27
C ALA D 97 15.60 -5.44 -12.05
N ASN D 98 16.45 -4.89 -11.18
CA ASN D 98 17.65 -5.64 -10.82
C ASN D 98 17.81 -5.71 -9.31
N ASP D 99 16.70 -5.80 -8.60
CA ASP D 99 16.65 -5.96 -7.16
C ASP D 99 16.09 -7.34 -6.76
N TRP D 100 16.32 -8.35 -7.59
CA TRP D 100 15.93 -9.73 -7.27
C TRP D 100 16.91 -10.35 -6.27
N VAL D 101 16.42 -11.17 -5.36
CA VAL D 101 17.26 -11.87 -4.40
C VAL D 101 16.79 -13.32 -4.25
N ILE D 102 17.72 -14.20 -3.87
CA ILE D 102 17.38 -15.56 -3.48
C ILE D 102 16.85 -15.55 -2.04
N VAL D 103 15.76 -16.28 -1.81
CA VAL D 103 15.18 -16.45 -0.50
C VAL D 103 15.35 -17.87 0.01
N GLU D 104 15.33 -18.86 -0.87
CA GLU D 104 15.83 -20.19 -0.42
C GLU D 104 16.49 -20.90 -1.60
#